data_8J5U
#
_entry.id   8J5U
#
_cell.length_a   115.643
_cell.length_b   56.986
_cell.length_c   101.902
_cell.angle_alpha   90.00
_cell.angle_beta   122.29
_cell.angle_gamma   90.00
#
_symmetry.space_group_name_H-M   'C 1 2 1'
#
loop_
_entity.id
_entity.type
_entity.pdbx_description
1 polymer 'Uncharacterized protein Rv1280c'
2 polymer 'Endogenous oligopeptide'
3 water water
#
loop_
_entity_poly.entity_id
_entity_poly.type
_entity_poly.pdbx_seq_one_letter_code
_entity_poly.pdbx_strand_id
1 'polypeptide(L)'
;VADRGQRRGCAPGIASALRASFQGKSRPWTQTRYWAFALLTPLVVAMVLTGCSASGTQLELAPTADRRAAVGTTSDINQQ
DPATLQDGGNLRLSLTDFPPNFNILHIDGNNAEVAAMMKATLPRAFIIGPDGSTTVDTNYFTSIELTRTAPQVVTYTINP
EAVWSDGTPITWRDIASQIHAISGADKAFEIASSSGAERVASVTRGVDDRQAVVTFAKPYAEWRGMFAGNGMLLPASMTA
TPEAFNKGQLDGPGPSAGPFVVSALDRTAQRIVLTRNPRWWGARPRLDSITYLVLDDAARLPALQNNTIDATGVGTLDQL
TIAARTKGISIRRAPGPSWYHFTLNGAPGSILADKALRLAIAKGIDRYTIARVAQYGLTSDPVPLNNHVFVAGQDGYQDN
SGVVAYNPEQAKRELDALGWRRSGAFREKDGRQLVIRDLFYDAQSTRQFAQIAQHTLAQIGVKLELQAKSGSGFFSDYVN
VGAFDIAQFGWVGDAFPLSSLTQIYASDGESNFGKIGSPQIDAAIERTLAELDPGKARALANQVDELIWAEGFSLPLTQS
PGTVAVRSTLANFGATGLADLDYTAIGFMRRHHHHHHHH
;
A
2 'polypeptide(L)' ASPFSPDPP B
#
# COMPACT_ATOMS: atom_id res chain seq x y z
N ALA A 65 6.56 4.11 21.95
CA ALA A 65 7.38 4.65 23.05
C ALA A 65 8.77 5.16 22.63
N ASP A 66 9.75 4.28 22.35
CA ASP A 66 11.14 4.81 22.12
C ASP A 66 11.78 4.64 20.74
N ARG A 67 11.19 3.92 19.80
CA ARG A 67 11.94 3.87 18.52
C ARG A 67 11.32 4.86 17.52
N ARG A 68 12.15 5.35 16.61
CA ARG A 68 11.68 6.32 15.60
C ARG A 68 10.79 5.66 14.55
N ALA A 69 9.88 6.44 13.96
CA ALA A 69 9.08 5.96 12.83
C ALA A 69 9.94 6.08 11.58
N ALA A 70 10.85 5.13 11.42
CA ALA A 70 11.68 5.09 10.22
C ALA A 70 11.96 3.65 9.82
N VAL A 71 11.96 3.42 8.51
CA VAL A 71 12.22 2.08 8.01
C VAL A 71 13.65 1.70 8.36
N GLY A 72 13.82 0.47 8.86
CA GLY A 72 15.13 -0.05 9.21
C GLY A 72 15.53 -1.26 8.38
N THR A 73 16.20 -2.21 9.01
CA THR A 73 16.66 -3.41 8.32
C THR A 73 16.27 -4.68 9.06
N THR A 74 15.36 -4.59 10.03
CA THR A 74 15.01 -5.73 10.87
C THR A 74 13.52 -6.00 10.81
N SER A 75 13.16 -7.23 11.16
CA SER A 75 11.80 -7.64 11.43
C SER A 75 11.67 -7.95 12.91
N ASP A 76 10.44 -7.98 13.38
CA ASP A 76 10.13 -8.26 14.79
C ASP A 76 9.00 -9.28 14.77
N ILE A 77 9.37 -10.55 14.61
CA ILE A 77 8.39 -11.58 14.26
C ILE A 77 8.46 -12.79 15.18
N ASN A 78 9.28 -12.71 16.23
CA ASN A 78 9.50 -13.83 17.15
C ASN A 78 9.85 -15.10 16.37
N GLN A 79 11.00 -15.01 15.72
CA GLN A 79 11.47 -16.10 14.87
C GLN A 79 11.70 -17.35 15.70
N GLN A 80 11.17 -18.47 15.23
CA GLN A 80 11.39 -19.77 15.85
C GLN A 80 11.50 -20.80 14.74
N ASP A 81 12.12 -21.93 15.07
CA ASP A 81 12.15 -23.07 14.15
C ASP A 81 10.72 -23.58 13.97
N PRO A 82 10.14 -23.50 12.77
CA PRO A 82 8.74 -23.93 12.59
C PRO A 82 8.50 -25.38 12.92
N ALA A 83 9.52 -26.24 12.83
CA ALA A 83 9.37 -27.65 13.20
C ALA A 83 9.13 -27.82 14.69
N THR A 84 9.52 -26.85 15.52
CA THR A 84 9.30 -26.88 16.95
C THR A 84 7.99 -26.24 17.36
N LEU A 85 7.22 -25.72 16.41
CA LEU A 85 5.94 -25.10 16.74
C LEU A 85 4.84 -26.16 16.74
N GLN A 86 3.68 -25.79 17.28
CA GLN A 86 2.52 -26.66 17.23
C GLN A 86 2.20 -27.04 15.78
N ASP A 87 1.62 -28.22 15.59
CA ASP A 87 1.13 -28.62 14.28
C ASP A 87 -0.36 -28.29 14.28
N GLY A 88 -0.72 -27.23 13.57
CA GLY A 88 -2.09 -26.79 13.48
C GLY A 88 -2.30 -25.43 14.12
N GLY A 89 -3.56 -25.00 14.09
CA GLY A 89 -3.92 -23.71 14.67
C GLY A 89 -4.64 -22.81 13.69
N ASN A 90 -5.31 -21.79 14.23
CA ASN A 90 -6.13 -20.88 13.45
C ASN A 90 -5.67 -19.47 13.77
N LEU A 91 -4.94 -18.84 12.84
CA LEU A 91 -4.52 -17.46 12.98
C LEU A 91 -5.70 -16.56 12.64
N ARG A 92 -6.17 -15.78 13.62
CA ARG A 92 -7.37 -14.97 13.48
C ARG A 92 -6.98 -13.49 13.36
N LEU A 93 -7.32 -12.88 12.24
CA LEU A 93 -6.98 -11.49 11.96
C LEU A 93 -8.26 -10.73 11.60
N SER A 94 -8.12 -9.42 11.41
CA SER A 94 -9.28 -8.60 11.10
C SER A 94 -9.11 -7.91 9.76
N LEU A 95 -10.25 -7.55 9.18
CA LEU A 95 -10.33 -6.80 7.95
C LEU A 95 -11.23 -5.59 8.20
N THR A 96 -11.02 -4.52 7.42
CA THR A 96 -11.89 -3.36 7.59
C THR A 96 -13.22 -3.55 6.88
N ASP A 97 -13.18 -4.10 5.66
CA ASP A 97 -14.37 -4.37 4.87
C ASP A 97 -14.08 -5.52 3.93
N PHE A 98 -15.13 -6.24 3.56
CA PHE A 98 -15.07 -7.09 2.37
C PHE A 98 -14.75 -6.21 1.17
N PRO A 99 -13.82 -6.62 0.30
CA PRO A 99 -13.51 -5.79 -0.86
C PRO A 99 -14.63 -5.84 -1.89
N PRO A 100 -14.82 -4.77 -2.66
CA PRO A 100 -15.78 -4.81 -3.77
C PRO A 100 -15.27 -5.60 -4.96
N ASN A 101 -13.98 -5.94 -4.98
CA ASN A 101 -13.39 -6.70 -6.07
C ASN A 101 -12.18 -7.42 -5.50
N PHE A 102 -12.03 -8.69 -5.81
CA PHE A 102 -10.91 -9.45 -5.28
C PHE A 102 -9.72 -9.53 -6.24
N ASN A 103 -9.82 -8.94 -7.43
CA ASN A 103 -8.67 -8.84 -8.33
C ASN A 103 -7.79 -7.71 -7.83
N ILE A 104 -6.66 -8.06 -7.23
CA ILE A 104 -5.80 -7.03 -6.65
C ILE A 104 -5.07 -6.21 -7.71
N LEU A 105 -5.14 -6.58 -8.99
CA LEU A 105 -4.64 -5.72 -10.05
C LEU A 105 -5.64 -4.67 -10.51
N HIS A 106 -6.90 -4.81 -10.11
CA HIS A 106 -7.99 -3.97 -10.59
C HIS A 106 -8.05 -2.67 -9.80
N ILE A 107 -8.60 -1.63 -10.42
CA ILE A 107 -8.67 -0.32 -9.77
C ILE A 107 -9.56 -0.38 -8.53
N ASP A 108 -10.52 -1.31 -8.48
CA ASP A 108 -11.42 -1.47 -7.30
C ASP A 108 -10.87 -2.51 -6.32
N GLY A 109 -9.82 -3.24 -6.70
CA GLY A 109 -9.26 -4.32 -5.86
C GLY A 109 -7.86 -4.05 -5.33
N ASN A 110 -7.38 -2.81 -5.41
CA ASN A 110 -6.01 -2.40 -5.01
C ASN A 110 -5.99 -2.12 -3.50
N ASN A 111 -6.65 -2.98 -2.72
CA ASN A 111 -6.75 -2.79 -1.26
C ASN A 111 -5.62 -3.54 -0.52
N ALA A 112 -4.80 -2.80 0.21
CA ALA A 112 -3.64 -3.39 0.94
C ALA A 112 -4.06 -4.53 1.87
N GLU A 113 -5.22 -4.38 2.50
CA GLU A 113 -5.63 -5.46 3.38
C GLU A 113 -5.88 -6.74 2.61
N VAL A 114 -6.53 -6.62 1.45
CA VAL A 114 -6.81 -7.80 0.65
C VAL A 114 -5.53 -8.33 0.01
N ALA A 115 -4.69 -7.43 -0.51
CA ALA A 115 -3.40 -7.87 -1.04
C ALA A 115 -2.59 -8.60 0.02
N ALA A 116 -2.57 -8.08 1.25
CA ALA A 116 -1.92 -8.77 2.36
C ALA A 116 -2.47 -10.17 2.54
N MET A 117 -3.79 -10.32 2.48
CA MET A 117 -4.37 -11.66 2.60
C MET A 117 -3.95 -12.55 1.44
N MET A 118 -3.95 -12.01 0.21
CA MET A 118 -3.64 -12.80 -0.98
C MET A 118 -2.20 -13.27 -1.02
N LYS A 119 -1.29 -12.57 -0.36
CA LYS A 119 0.11 -13.01 -0.37
C LYS A 119 0.27 -14.42 0.19
N ALA A 120 -0.64 -14.85 1.07
CA ALA A 120 -0.61 -16.21 1.58
C ALA A 120 -1.04 -17.23 0.53
N THR A 121 -1.55 -16.78 -0.62
CA THR A 121 -2.20 -17.66 -1.58
C THR A 121 -1.65 -17.59 -3.00
N LEU A 122 -0.91 -16.54 -3.35
CA LEU A 122 -0.51 -16.34 -4.75
C LEU A 122 0.99 -16.41 -4.87
N PRO A 123 1.51 -16.81 -6.04
CA PRO A 123 2.97 -16.79 -6.26
C PRO A 123 3.54 -15.38 -6.23
N ARG A 124 4.72 -15.25 -5.62
CA ARG A 124 5.54 -14.06 -5.75
C ARG A 124 6.94 -14.50 -6.17
N ALA A 125 7.50 -13.80 -7.17
CA ALA A 125 8.75 -14.25 -7.79
C ALA A 125 9.93 -14.11 -6.86
N PHE A 126 9.90 -13.16 -5.93
CA PHE A 126 11.02 -12.92 -5.03
C PHE A 126 10.52 -12.86 -3.60
N ILE A 127 11.41 -13.25 -2.69
CA ILE A 127 11.25 -13.04 -1.25
C ILE A 127 12.03 -11.78 -0.90
N ILE A 128 11.35 -10.82 -0.27
CA ILE A 128 12.00 -9.61 0.21
C ILE A 128 12.41 -9.82 1.65
N GLY A 129 13.64 -9.45 1.97
CA GLY A 129 14.14 -9.52 3.33
C GLY A 129 13.89 -8.24 4.10
N PRO A 130 14.23 -8.26 5.40
CA PRO A 130 13.95 -7.08 6.24
C PRO A 130 14.75 -5.85 5.82
N ASP A 131 15.77 -6.00 4.98
CA ASP A 131 16.52 -4.86 4.44
C ASP A 131 16.12 -4.49 3.02
N GLY A 132 15.03 -5.06 2.52
CA GLY A 132 14.60 -4.82 1.16
C GLY A 132 15.28 -5.68 0.11
N SER A 133 16.26 -6.50 0.48
CA SER A 133 16.95 -7.33 -0.50
C SER A 133 16.03 -8.43 -0.99
N THR A 134 16.30 -8.92 -2.20
CA THR A 134 15.45 -9.94 -2.81
C THR A 134 16.23 -11.23 -3.04
N THR A 135 15.52 -12.34 -2.95
CA THR A 135 16.05 -13.64 -3.37
C THR A 135 14.96 -14.35 -4.17
N VAL A 136 15.36 -15.16 -5.15
CA VAL A 136 14.38 -15.85 -5.97
C VAL A 136 13.62 -16.84 -5.10
N ASP A 137 12.29 -16.78 -5.16
CA ASP A 137 11.49 -17.78 -4.43
C ASP A 137 11.42 -19.02 -5.31
N THR A 138 12.29 -19.99 -5.01
CA THR A 138 12.40 -21.20 -5.83
C THR A 138 11.20 -22.13 -5.67
N ASN A 139 10.27 -21.84 -4.77
CA ASN A 139 9.01 -22.58 -4.78
C ASN A 139 8.24 -22.30 -6.06
N TYR A 140 8.35 -21.08 -6.59
CA TYR A 140 7.64 -20.69 -7.80
C TYR A 140 8.52 -20.63 -9.03
N PHE A 141 9.80 -20.34 -8.89
CA PHE A 141 10.66 -20.20 -10.06
C PHE A 141 11.96 -20.95 -9.81
N THR A 142 12.25 -21.93 -10.68
CA THR A 142 13.56 -22.58 -10.66
C THR A 142 14.66 -21.53 -10.65
N SER A 143 14.53 -20.51 -11.49
CA SER A 143 15.51 -19.45 -11.57
C SER A 143 14.86 -18.25 -12.22
N ILE A 144 15.42 -17.08 -11.94
CA ILE A 144 15.07 -15.84 -12.60
C ILE A 144 16.37 -15.13 -12.91
N GLU A 145 16.58 -14.82 -14.18
CA GLU A 145 17.90 -14.38 -14.64
C GLU A 145 17.77 -13.10 -15.43
N LEU A 146 18.63 -12.13 -15.13
CA LEU A 146 18.82 -10.96 -15.98
C LEU A 146 19.66 -11.43 -17.17
N THR A 147 18.95 -11.99 -18.16
CA THR A 147 19.61 -12.59 -19.32
C THR A 147 20.48 -11.60 -20.07
N ARG A 148 20.04 -10.34 -20.15
CA ARG A 148 20.76 -9.25 -20.79
C ARG A 148 20.45 -7.98 -20.02
N THR A 149 21.47 -7.14 -19.80
CA THR A 149 21.28 -5.95 -18.96
C THR A 149 20.71 -4.76 -19.73
N ALA A 150 21.17 -4.52 -20.94
CA ALA A 150 20.69 -3.40 -21.74
C ALA A 150 20.78 -3.75 -23.22
N PRO A 151 19.64 -3.87 -23.94
CA PRO A 151 18.24 -3.80 -23.49
C PRO A 151 17.94 -4.89 -22.47
N GLN A 152 17.07 -4.59 -21.50
CA GLN A 152 16.83 -5.51 -20.40
C GLN A 152 16.03 -6.72 -20.87
N VAL A 153 16.56 -7.91 -20.59
CA VAL A 153 15.86 -9.16 -20.86
C VAL A 153 15.90 -10.00 -19.59
N VAL A 154 14.73 -10.41 -19.11
CA VAL A 154 14.59 -11.22 -17.90
C VAL A 154 13.93 -12.53 -18.28
N THR A 155 14.53 -13.65 -17.87
CA THR A 155 13.97 -14.96 -18.16
C THR A 155 13.47 -15.58 -16.86
N TYR A 156 12.15 -15.70 -16.75
CA TYR A 156 11.50 -16.39 -15.65
C TYR A 156 11.35 -17.86 -16.02
N THR A 157 11.87 -18.76 -15.18
CA THR A 157 11.74 -20.20 -15.38
C THR A 157 10.89 -20.75 -14.24
N ILE A 158 9.69 -21.22 -14.56
CA ILE A 158 8.71 -21.61 -13.54
C ILE A 158 9.04 -22.98 -12.99
N ASN A 159 8.91 -23.12 -11.67
CA ASN A 159 9.02 -24.41 -10.99
C ASN A 159 8.00 -25.39 -11.57
N PRO A 160 8.43 -26.49 -12.20
CA PRO A 160 7.49 -27.39 -12.89
C PRO A 160 6.38 -27.93 -12.01
N GLU A 161 6.59 -28.01 -10.69
CA GLU A 161 5.54 -28.46 -9.80
C GLU A 161 4.46 -27.41 -9.54
N ALA A 162 4.66 -26.16 -9.99
CA ALA A 162 3.71 -25.11 -9.67
C ALA A 162 2.39 -25.33 -10.41
N VAL A 163 1.29 -25.37 -9.67
CA VAL A 163 -0.04 -25.55 -10.24
C VAL A 163 -1.00 -24.56 -9.60
N TRP A 164 -1.93 -24.06 -10.40
CA TRP A 164 -3.05 -23.29 -9.88
C TRP A 164 -4.03 -24.23 -9.18
N SER A 165 -4.90 -23.64 -8.37
CA SER A 165 -5.80 -24.44 -7.54
C SER A 165 -6.87 -25.15 -8.35
N ASP A 166 -6.94 -24.93 -9.66
CA ASP A 166 -7.86 -25.65 -10.52
C ASP A 166 -7.17 -26.78 -11.29
N GLY A 167 -5.94 -27.14 -10.90
CA GLY A 167 -5.20 -28.17 -11.59
C GLY A 167 -4.34 -27.67 -12.74
N THR A 168 -4.65 -26.51 -13.29
CA THR A 168 -3.85 -25.97 -14.38
C THR A 168 -2.41 -25.69 -13.90
N PRO A 169 -1.40 -26.04 -14.68
CA PRO A 169 -0.04 -25.64 -14.32
C PRO A 169 0.21 -24.16 -14.58
N ILE A 170 1.14 -23.61 -13.81
CA ILE A 170 1.62 -22.25 -14.04
C ILE A 170 2.58 -22.28 -15.22
N THR A 171 2.32 -21.44 -16.22
CA THR A 171 3.08 -21.45 -17.45
C THR A 171 3.45 -20.02 -17.83
N TRP A 172 4.29 -19.90 -18.86
CA TRP A 172 4.68 -18.59 -19.36
C TRP A 172 3.47 -17.75 -19.73
N ARG A 173 2.36 -18.41 -20.08
CA ARG A 173 1.15 -17.69 -20.47
C ARG A 173 0.60 -16.84 -19.34
N ASP A 174 0.79 -17.27 -18.09
CA ASP A 174 0.32 -16.47 -16.97
C ASP A 174 1.10 -15.16 -16.89
N ILE A 175 2.41 -15.21 -17.10
CA ILE A 175 3.23 -14.01 -17.07
C ILE A 175 2.90 -13.10 -18.26
N ALA A 176 2.79 -13.68 -19.45
CA ALA A 176 2.44 -12.89 -20.64
C ALA A 176 1.07 -12.23 -20.48
N SER A 177 0.07 -13.01 -20.09
CA SER A 177 -1.27 -12.47 -19.91
C SER A 177 -1.30 -11.35 -18.88
N GLN A 178 -0.64 -11.54 -17.74
CA GLN A 178 -0.67 -10.49 -16.73
C GLN A 178 0.00 -9.23 -17.25
N ILE A 179 1.17 -9.36 -17.87
CA ILE A 179 1.88 -8.18 -18.35
C ILE A 179 1.04 -7.44 -19.39
N HIS A 180 0.42 -8.18 -20.31
CA HIS A 180 -0.46 -7.53 -21.27
C HIS A 180 -1.60 -6.80 -20.57
N ALA A 181 -2.21 -7.43 -19.56
CA ALA A 181 -3.40 -6.86 -18.93
C ALA A 181 -3.12 -5.51 -18.27
N ILE A 182 -1.92 -5.31 -17.74
CA ILE A 182 -1.62 -4.08 -17.01
C ILE A 182 -0.70 -3.17 -17.82
N SER A 183 -0.44 -3.51 -19.09
CA SER A 183 0.44 -2.73 -19.95
C SER A 183 -0.17 -1.42 -20.44
N GLY A 184 -1.49 -1.26 -20.33
CA GLY A 184 -2.14 -0.10 -20.92
C GLY A 184 -2.38 -0.16 -22.41
N ALA A 185 -2.02 -1.27 -23.07
CA ALA A 185 -2.29 -1.43 -24.50
C ALA A 185 -3.79 -1.40 -24.79
N ASP A 186 -4.56 -2.13 -23.99
CA ASP A 186 -6.00 -2.26 -24.13
C ASP A 186 -6.65 -1.46 -23.02
N LYS A 187 -7.40 -0.42 -23.39
CA LYS A 187 -7.97 0.45 -22.38
C LYS A 187 -9.11 -0.21 -21.61
N ALA A 188 -9.63 -1.35 -22.08
CA ALA A 188 -10.73 -1.99 -21.39
C ALA A 188 -10.32 -2.55 -20.02
N PHE A 189 -9.04 -2.81 -19.79
CA PHE A 189 -8.60 -3.30 -18.49
C PHE A 189 -8.58 -2.13 -17.50
N GLU A 190 -9.34 -2.24 -16.42
CA GLU A 190 -9.42 -1.14 -15.45
C GLU A 190 -8.43 -1.45 -14.33
N ILE A 191 -7.19 -1.06 -14.56
CA ILE A 191 -6.07 -1.50 -13.75
C ILE A 191 -5.71 -0.40 -12.75
N ALA A 192 -5.12 -0.83 -11.64
CA ALA A 192 -4.66 0.10 -10.61
C ALA A 192 -3.26 0.63 -10.88
N SER A 193 -2.45 -0.16 -11.58
CA SER A 193 -1.04 0.15 -11.77
C SER A 193 -0.51 -0.68 -12.93
N SER A 194 0.52 -0.17 -13.59
CA SER A 194 1.17 -0.92 -14.65
C SER A 194 2.42 -1.65 -14.18
N SER A 195 3.02 -1.23 -13.05
CA SER A 195 4.26 -1.80 -12.55
C SER A 195 5.30 -1.95 -13.66
N GLY A 196 5.33 -0.96 -14.56
CA GLY A 196 6.29 -0.93 -15.64
C GLY A 196 5.99 -1.84 -16.81
N ALA A 197 4.84 -2.54 -16.82
CA ALA A 197 4.51 -3.43 -17.92
C ALA A 197 4.44 -2.71 -19.26
N GLU A 198 4.09 -1.43 -19.25
CA GLU A 198 4.10 -0.66 -20.48
C GLU A 198 5.50 -0.54 -21.07
N ARG A 199 6.53 -0.83 -20.29
CA ARG A 199 7.90 -0.75 -20.79
C ARG A 199 8.43 -2.07 -21.33
N VAL A 200 7.66 -3.16 -21.30
CA VAL A 200 8.13 -4.40 -21.89
C VAL A 200 7.71 -4.44 -23.35
N ALA A 201 8.69 -4.72 -24.21
CA ALA A 201 8.45 -4.82 -25.64
C ALA A 201 7.78 -6.13 -25.97
N SER A 202 8.11 -7.21 -25.26
CA SER A 202 7.50 -8.50 -25.59
C SER A 202 7.68 -9.47 -24.44
N VAL A 203 6.73 -10.42 -24.34
CA VAL A 203 6.88 -11.61 -23.51
C VAL A 203 6.75 -12.81 -24.43
N THR A 204 7.80 -13.62 -24.51
CA THR A 204 7.79 -14.77 -25.41
C THR A 204 8.07 -16.06 -24.64
N ARG A 205 7.73 -17.18 -25.28
CA ARG A 205 8.01 -18.50 -24.72
C ARG A 205 9.49 -18.81 -24.83
N GLY A 206 10.08 -19.28 -23.72
CA GLY A 206 11.46 -19.75 -23.72
C GLY A 206 11.59 -21.17 -24.22
N VAL A 207 12.39 -22.00 -23.53
CA VAL A 207 12.70 -23.32 -24.06
C VAL A 207 11.53 -24.29 -23.95
N ASP A 208 10.54 -24.01 -23.09
CA ASP A 208 9.35 -24.85 -22.99
C ASP A 208 8.24 -24.00 -22.36
N ASP A 209 7.06 -24.63 -22.19
CA ASP A 209 5.89 -23.95 -21.66
C ASP A 209 6.13 -23.26 -20.33
N ARG A 210 7.16 -23.68 -19.59
CA ARG A 210 7.37 -23.21 -18.23
C ARG A 210 8.34 -22.05 -18.15
N GLN A 211 8.71 -21.45 -19.27
CA GLN A 211 9.71 -20.40 -19.29
C GLN A 211 9.23 -19.21 -20.11
N ALA A 212 9.28 -18.02 -19.51
CA ALA A 212 8.88 -16.76 -20.13
C ALA A 212 10.09 -15.85 -20.23
N VAL A 213 10.33 -15.26 -21.40
CA VAL A 213 11.41 -14.28 -21.54
C VAL A 213 10.77 -12.92 -21.83
N VAL A 214 11.04 -11.99 -20.94
CA VAL A 214 10.43 -10.65 -20.90
C VAL A 214 11.50 -9.70 -21.42
N THR A 215 11.24 -9.10 -22.57
CA THR A 215 12.17 -8.17 -23.20
C THR A 215 11.61 -6.76 -23.07
N PHE A 216 12.42 -5.87 -22.50
CA PHE A 216 12.04 -4.48 -22.23
C PHE A 216 12.44 -3.56 -23.38
N ALA A 217 11.56 -2.62 -23.69
CA ALA A 217 11.90 -1.58 -24.66
C ALA A 217 12.61 -0.40 -24.01
N LYS A 218 12.45 -0.23 -22.71
CA LYS A 218 13.05 0.87 -21.96
C LYS A 218 13.63 0.31 -20.67
N PRO A 219 14.59 1.02 -20.06
CA PRO A 219 15.10 0.55 -18.78
C PRO A 219 14.00 0.51 -17.74
N TYR A 220 14.14 -0.42 -16.79
CA TYR A 220 13.20 -0.51 -15.68
C TYR A 220 13.95 -1.22 -14.55
N ALA A 221 14.56 -0.42 -13.67
CA ALA A 221 15.40 -0.99 -12.62
C ALA A 221 14.60 -1.93 -11.71
N GLU A 222 13.34 -1.60 -11.42
CA GLU A 222 12.56 -2.36 -10.43
C GLU A 222 11.74 -3.49 -11.06
N TRP A 223 12.31 -4.20 -12.04
CA TRP A 223 11.57 -5.29 -12.67
C TRP A 223 11.23 -6.41 -11.69
N ARG A 224 12.06 -6.59 -10.66
CA ARG A 224 11.77 -7.62 -9.67
C ARG A 224 10.45 -7.41 -8.95
N GLY A 225 9.96 -6.17 -8.89
CA GLY A 225 8.70 -5.89 -8.24
C GLY A 225 7.46 -6.21 -9.05
N MET A 226 7.60 -6.62 -10.31
CA MET A 226 6.42 -6.92 -11.10
C MET A 226 5.58 -8.03 -10.48
N PHE A 227 6.23 -9.10 -10.01
CA PHE A 227 5.56 -10.22 -9.38
C PHE A 227 6.06 -10.47 -7.96
N ALA A 228 6.45 -9.41 -7.25
CA ALA A 228 6.97 -9.55 -5.89
C ALA A 228 6.64 -8.29 -5.09
N GLY A 229 6.76 -8.41 -3.76
CA GLY A 229 6.40 -7.32 -2.89
C GLY A 229 4.90 -7.12 -2.91
N ASN A 230 4.43 -5.92 -3.25
CA ASN A 230 3.00 -5.74 -3.40
C ASN A 230 2.48 -6.36 -4.69
N GLY A 231 3.38 -6.74 -5.59
CA GLY A 231 3.01 -7.45 -6.79
C GLY A 231 3.07 -8.96 -6.59
N MET A 232 2.30 -9.66 -7.41
CA MET A 232 2.14 -11.10 -7.31
C MET A 232 1.46 -11.58 -8.58
N LEU A 233 1.56 -12.89 -8.85
CA LEU A 233 1.15 -13.46 -10.12
C LEU A 233 -0.26 -14.00 -10.06
N LEU A 234 -1.07 -13.63 -11.05
CA LEU A 234 -2.43 -14.13 -11.19
C LEU A 234 -2.55 -15.09 -12.36
N PRO A 235 -3.55 -15.98 -12.34
CA PRO A 235 -3.71 -16.93 -13.46
C PRO A 235 -4.30 -16.26 -14.68
N ALA A 236 -3.87 -16.75 -15.86
CA ALA A 236 -4.32 -16.18 -17.13
C ALA A 236 -5.84 -16.17 -17.25
N SER A 237 -6.53 -17.14 -16.64
CA SER A 237 -7.99 -17.13 -16.70
C SER A 237 -8.58 -15.87 -16.09
N MET A 238 -7.84 -15.21 -15.19
CA MET A 238 -8.33 -14.01 -14.55
C MET A 238 -7.80 -12.73 -15.19
N THR A 239 -6.81 -12.84 -16.06
CA THR A 239 -6.20 -11.67 -16.69
C THR A 239 -6.31 -11.64 -18.20
N ALA A 240 -6.74 -12.73 -18.84
CA ALA A 240 -6.63 -12.79 -20.30
C ALA A 240 -7.60 -11.84 -20.97
N THR A 241 -8.79 -11.64 -20.38
CA THR A 241 -9.81 -10.83 -21.03
C THR A 241 -10.26 -9.72 -20.11
N PRO A 242 -10.62 -8.55 -20.68
CA PRO A 242 -11.15 -7.48 -19.82
C PRO A 242 -12.33 -7.93 -18.98
N GLU A 243 -13.21 -8.77 -19.54
CA GLU A 243 -14.35 -9.25 -18.77
C GLU A 243 -13.90 -9.95 -17.50
N ALA A 244 -12.95 -10.88 -17.61
CA ALA A 244 -12.55 -11.64 -16.42
C ALA A 244 -11.79 -10.75 -15.44
N PHE A 245 -10.97 -9.84 -15.98
CA PHE A 245 -10.19 -8.93 -15.15
C PHE A 245 -11.08 -8.02 -14.33
N ASN A 246 -12.10 -7.44 -14.98
CA ASN A 246 -12.94 -6.43 -14.35
C ASN A 246 -14.05 -7.04 -13.51
N LYS A 247 -14.63 -8.16 -13.96
CA LYS A 247 -15.85 -8.69 -13.37
C LYS A 247 -15.74 -10.12 -12.87
N GLY A 248 -14.62 -10.81 -13.13
CA GLY A 248 -14.51 -12.21 -12.77
C GLY A 248 -14.29 -12.48 -11.30
N GLN A 249 -13.89 -11.47 -10.53
CA GLN A 249 -13.56 -11.66 -9.12
C GLN A 249 -14.38 -10.76 -8.23
N LEU A 250 -15.63 -10.48 -8.64
CA LEU A 250 -16.49 -9.61 -7.84
C LEU A 250 -16.95 -10.30 -6.57
N ASP A 251 -17.28 -11.58 -6.64
CA ASP A 251 -17.79 -12.32 -5.49
C ASP A 251 -16.72 -13.06 -4.72
N GLY A 252 -15.51 -13.16 -5.25
CA GLY A 252 -14.44 -13.88 -4.58
C GLY A 252 -13.25 -14.10 -5.48
N PRO A 253 -12.14 -14.56 -4.91
CA PRO A 253 -10.92 -14.72 -5.69
C PRO A 253 -10.98 -15.90 -6.64
N GLY A 254 -10.24 -15.79 -7.75
CA GLY A 254 -10.11 -16.86 -8.69
C GLY A 254 -9.09 -17.87 -8.22
N PRO A 255 -8.69 -18.78 -9.11
CA PRO A 255 -7.70 -19.79 -8.74
C PRO A 255 -6.39 -19.16 -8.26
N SER A 256 -5.71 -19.85 -7.35
CA SER A 256 -4.49 -19.35 -6.75
C SER A 256 -3.47 -20.49 -6.69
N ALA A 257 -2.31 -20.21 -6.11
CA ALA A 257 -1.23 -21.20 -6.06
C ALA A 257 -0.26 -20.76 -4.95
N GLY A 258 -0.50 -21.25 -3.76
CA GLY A 258 0.31 -20.91 -2.63
C GLY A 258 0.05 -21.88 -1.49
N PRO A 259 0.70 -21.67 -0.35
CA PRO A 259 0.49 -22.59 0.77
C PRO A 259 -0.93 -22.62 1.29
N PHE A 260 -1.68 -21.54 1.13
CA PHE A 260 -3.06 -21.48 1.55
C PHE A 260 -3.95 -21.18 0.35
N VAL A 261 -5.23 -21.43 0.53
CA VAL A 261 -6.24 -21.19 -0.49
C VAL A 261 -7.46 -20.62 0.23
N VAL A 262 -8.11 -19.65 -0.40
CA VAL A 262 -9.34 -19.12 0.17
C VAL A 262 -10.42 -20.17 -0.05
N SER A 263 -10.96 -20.68 1.06
CA SER A 263 -11.91 -21.77 1.00
C SER A 263 -13.30 -21.39 1.48
N ALA A 264 -13.47 -20.19 2.05
CA ALA A 264 -14.77 -19.80 2.59
C ALA A 264 -14.91 -18.28 2.57
N LEU A 265 -16.00 -17.80 1.97
CA LEU A 265 -16.38 -16.39 2.00
C LEU A 265 -17.79 -16.29 2.56
N ASP A 266 -17.90 -15.98 3.85
CA ASP A 266 -19.20 -15.89 4.52
C ASP A 266 -19.53 -14.41 4.69
N ARG A 267 -20.39 -13.89 3.81
CA ARG A 267 -20.81 -12.50 3.92
C ARG A 267 -21.73 -12.29 5.12
N THR A 268 -22.45 -13.33 5.53
CA THR A 268 -23.34 -13.18 6.68
C THR A 268 -22.54 -13.09 7.98
N ALA A 269 -21.59 -14.01 8.18
CA ALA A 269 -20.72 -13.96 9.35
C ALA A 269 -19.61 -12.92 9.23
N GLN A 270 -19.48 -12.28 8.07
CA GLN A 270 -18.39 -11.33 7.77
C GLN A 270 -17.02 -11.97 8.02
N ARG A 271 -16.82 -13.16 7.43
CA ARG A 271 -15.61 -13.94 7.66
C ARG A 271 -15.04 -14.44 6.34
N ILE A 272 -13.71 -14.47 6.25
CA ILE A 272 -13.02 -15.11 5.14
C ILE A 272 -12.02 -16.11 5.72
N VAL A 273 -12.02 -17.33 5.21
CA VAL A 273 -11.17 -18.38 5.78
C VAL A 273 -10.19 -18.88 4.72
N LEU A 274 -8.92 -18.97 5.12
CA LEU A 274 -7.86 -19.56 4.32
C LEU A 274 -7.44 -20.86 4.98
N THR A 275 -7.45 -21.95 4.22
CA THR A 275 -7.01 -23.25 4.73
C THR A 275 -5.87 -23.76 3.86
N ARG A 276 -5.25 -24.86 4.29
CA ARG A 276 -4.11 -25.39 3.55
C ARG A 276 -4.52 -25.76 2.14
N ASN A 277 -3.73 -25.30 1.18
CA ASN A 277 -3.90 -25.68 -0.20
C ASN A 277 -3.53 -27.14 -0.36
N PRO A 278 -4.45 -28.01 -0.78
CA PRO A 278 -4.09 -29.42 -0.98
C PRO A 278 -3.03 -29.62 -2.04
N ARG A 279 -3.01 -28.79 -3.09
CA ARG A 279 -2.03 -28.94 -4.16
C ARG A 279 -0.68 -28.33 -3.83
N TRP A 280 -0.55 -27.66 -2.69
CA TRP A 280 0.71 -27.00 -2.34
C TRP A 280 1.86 -27.99 -2.39
N TRP A 281 2.90 -27.65 -3.15
CA TRP A 281 4.05 -28.51 -3.39
C TRP A 281 5.25 -28.17 -2.51
N GLY A 282 5.08 -27.19 -1.65
CA GLY A 282 6.19 -26.76 -0.82
C GLY A 282 6.10 -27.25 0.61
N ALA A 283 6.74 -26.51 1.50
CA ALA A 283 6.66 -26.89 2.92
C ALA A 283 5.22 -26.82 3.46
N ARG A 284 4.82 -27.88 4.16
CA ARG A 284 3.46 -27.92 4.75
C ARG A 284 3.34 -26.82 5.81
N PRO A 285 2.35 -25.93 5.71
CA PRO A 285 2.24 -24.89 6.74
C PRO A 285 1.96 -25.47 8.11
N ARG A 286 2.46 -24.78 9.13
CA ARG A 286 2.14 -25.17 10.51
C ARG A 286 0.68 -24.86 10.83
N LEU A 287 0.14 -23.75 10.31
CA LEU A 287 -1.24 -23.37 10.60
C LEU A 287 -2.22 -24.27 9.86
N ASP A 288 -3.36 -24.53 10.51
CA ASP A 288 -4.49 -25.12 9.80
C ASP A 288 -5.18 -24.09 8.92
N SER A 289 -5.28 -22.86 9.39
CA SER A 289 -6.08 -21.85 8.72
C SER A 289 -5.65 -20.47 9.18
N ILE A 290 -6.02 -19.49 8.37
CA ILE A 290 -5.97 -18.08 8.73
C ILE A 290 -7.39 -17.56 8.54
N THR A 291 -7.99 -17.03 9.60
CA THR A 291 -9.35 -16.53 9.55
C THR A 291 -9.36 -15.01 9.67
N TYR A 292 -10.01 -14.33 8.74
CA TYR A 292 -10.18 -12.88 8.76
C TYR A 292 -11.61 -12.55 9.14
N LEU A 293 -11.76 -11.65 10.11
CA LEU A 293 -13.06 -11.18 10.59
C LEU A 293 -13.19 -9.70 10.26
N VAL A 294 -14.34 -9.30 9.69
CA VAL A 294 -14.57 -7.89 9.47
C VAL A 294 -14.83 -7.21 10.81
N LEU A 295 -14.06 -6.16 11.10
CA LEU A 295 -14.18 -5.41 12.35
C LEU A 295 -13.88 -3.96 12.06
N ASP A 296 -14.68 -3.05 12.63
CA ASP A 296 -14.35 -1.64 12.47
C ASP A 296 -13.21 -1.27 13.40
N ASP A 297 -12.60 -0.12 13.12
CA ASP A 297 -11.34 0.26 13.78
C ASP A 297 -11.47 0.27 15.30
N ALA A 298 -12.60 0.74 15.81
CA ALA A 298 -12.81 0.77 17.26
C ALA A 298 -12.98 -0.62 17.86
N ALA A 299 -13.37 -1.61 17.06
CA ALA A 299 -13.57 -2.97 17.57
C ALA A 299 -12.29 -3.78 17.64
N ARG A 300 -11.20 -3.32 17.03
CA ARG A 300 -10.02 -4.17 16.86
C ARG A 300 -9.37 -4.50 18.21
N LEU A 301 -8.91 -3.50 18.95
CA LEU A 301 -8.27 -3.78 20.24
C LEU A 301 -9.20 -4.54 21.18
N PRO A 302 -10.48 -4.19 21.34
CA PRO A 302 -11.33 -5.03 22.19
C PRO A 302 -11.39 -6.48 21.73
N ALA A 303 -11.40 -6.71 20.41
CA ALA A 303 -11.40 -8.08 19.90
C ALA A 303 -10.14 -8.82 20.30
N LEU A 304 -9.00 -8.12 20.30
CA LEU A 304 -7.76 -8.76 20.73
C LEU A 304 -7.80 -9.07 22.22
N GLN A 305 -8.34 -8.14 23.02
CA GLN A 305 -8.44 -8.35 24.46
C GLN A 305 -9.39 -9.50 24.79
N ASN A 306 -10.50 -9.62 24.06
CA ASN A 306 -11.50 -10.65 24.28
C ASN A 306 -11.13 -12.00 23.66
N ASN A 307 -9.95 -12.12 23.06
CA ASN A 307 -9.50 -13.39 22.50
C ASN A 307 -10.37 -13.83 21.33
N THR A 308 -10.77 -12.88 20.48
CA THR A 308 -11.46 -13.23 19.24
C THR A 308 -10.58 -13.09 18.01
N ILE A 309 -9.53 -12.27 18.06
CA ILE A 309 -8.51 -12.18 17.02
C ILE A 309 -7.15 -12.24 17.69
N ASP A 310 -6.13 -12.50 16.89
CA ASP A 310 -4.80 -12.79 17.44
C ASP A 310 -3.76 -11.72 17.18
N ALA A 311 -4.03 -10.76 16.28
CA ALA A 311 -3.09 -9.69 16.02
C ALA A 311 -3.82 -8.54 15.36
N THR A 312 -3.34 -7.33 15.61
CA THR A 312 -3.92 -6.14 14.99
C THR A 312 -2.95 -4.99 15.15
N GLY A 313 -3.07 -3.99 14.27
CA GLY A 313 -2.16 -2.87 14.31
C GLY A 313 -2.36 -2.00 15.53
N VAL A 314 -1.32 -1.25 15.89
CA VAL A 314 -1.39 -0.29 16.99
C VAL A 314 -1.09 1.08 16.41
N GLY A 315 -2.13 1.89 16.26
CA GLY A 315 -1.99 3.17 15.57
C GLY A 315 -1.96 4.41 16.46
N THR A 316 -2.27 4.26 17.75
CA THR A 316 -2.27 5.40 18.66
C THR A 316 -1.63 5.02 19.99
N LEU A 317 -1.34 6.05 20.78
CA LEU A 317 -0.77 5.83 22.11
C LEU A 317 -1.74 5.08 23.02
N ASP A 318 -3.03 5.42 22.97
CA ASP A 318 -4.00 4.74 23.81
C ASP A 318 -4.15 3.27 23.41
N GLN A 319 -4.11 2.99 22.10
CA GLN A 319 -4.11 1.62 21.63
C GLN A 319 -2.89 0.86 22.15
N LEU A 320 -1.72 1.49 22.06
CA LEU A 320 -0.52 0.86 22.58
C LEU A 320 -0.65 0.59 24.08
N THR A 321 -1.21 1.53 24.82
CA THR A 321 -1.38 1.35 26.27
C THR A 321 -2.31 0.17 26.56
N ILE A 322 -3.45 0.10 25.88
CA ILE A 322 -4.37 -1.02 26.08
C ILE A 322 -3.69 -2.34 25.74
N ALA A 323 -3.06 -2.42 24.57
CA ALA A 323 -2.41 -3.66 24.15
C ALA A 323 -1.32 -4.08 25.12
N ALA A 324 -0.44 -3.15 25.49
CA ALA A 324 0.66 -3.48 26.39
C ALA A 324 0.19 -3.87 27.78
N ARG A 325 -0.98 -3.36 28.20
CA ARG A 325 -1.58 -3.76 29.46
C ARG A 325 -2.15 -5.18 29.42
N THR A 326 -2.37 -5.73 28.23
CA THR A 326 -3.13 -6.97 28.08
C THR A 326 -2.23 -8.17 28.23
N LYS A 327 -2.61 -9.08 29.13
CA LYS A 327 -1.82 -10.28 29.36
C LYS A 327 -1.86 -11.20 28.15
N GLY A 328 -0.70 -11.71 27.76
CA GLY A 328 -0.61 -12.60 26.64
C GLY A 328 -0.43 -11.92 25.30
N ILE A 329 -0.20 -10.61 25.28
CA ILE A 329 -0.03 -9.82 24.07
C ILE A 329 1.37 -9.22 24.10
N SER A 330 2.05 -9.26 22.96
CA SER A 330 3.36 -8.67 22.79
C SER A 330 3.24 -7.51 21.81
N ILE A 331 4.08 -6.50 22.02
CA ILE A 331 4.20 -5.37 21.09
C ILE A 331 5.42 -5.61 20.20
N ARG A 332 5.22 -5.69 18.90
CA ARG A 332 6.29 -5.80 17.93
C ARG A 332 6.36 -4.52 17.14
N ARG A 333 7.55 -4.16 16.68
CA ARG A 333 7.74 -2.88 15.99
C ARG A 333 8.76 -3.05 14.88
N ALA A 334 8.35 -2.73 13.65
CA ALA A 334 9.22 -2.73 12.49
C ALA A 334 8.57 -1.86 11.42
N PRO A 335 8.99 -0.60 11.32
CA PRO A 335 8.31 0.34 10.41
C PRO A 335 8.49 -0.06 8.96
N GLY A 336 7.39 0.00 8.21
CA GLY A 336 7.40 -0.26 6.79
C GLY A 336 7.15 1.01 5.99
N PRO A 337 7.33 0.93 4.67
CA PRO A 337 7.22 2.13 3.82
C PRO A 337 5.77 2.47 3.46
N SER A 338 5.00 2.86 4.46
CA SER A 338 3.62 3.24 4.23
C SER A 338 3.32 4.53 4.99
N TRP A 339 2.36 5.29 4.49
CA TRP A 339 2.12 6.61 5.06
C TRP A 339 0.71 7.07 4.74
N TYR A 340 0.25 8.04 5.54
CA TYR A 340 -1.08 8.65 5.45
C TYR A 340 -0.92 10.06 4.88
N HIS A 341 -1.97 10.56 4.24
CA HIS A 341 -1.82 11.80 3.49
C HIS A 341 -3.16 12.43 3.17
N PHE A 342 -3.09 13.73 2.83
CA PHE A 342 -4.15 14.47 2.15
C PHE A 342 -3.84 14.47 0.66
N THR A 343 -4.76 13.95 -0.16
CA THR A 343 -4.61 13.99 -1.61
C THR A 343 -5.63 14.99 -2.17
N LEU A 344 -5.19 15.87 -3.05
CA LEU A 344 -6.03 16.96 -3.54
C LEU A 344 -6.60 16.64 -4.91
N ASN A 345 -7.81 17.12 -5.16
CA ASN A 345 -8.48 16.91 -6.45
C ASN A 345 -8.33 18.16 -7.30
N GLY A 346 -7.68 18.01 -8.45
CA GLY A 346 -7.50 19.11 -9.38
C GLY A 346 -8.25 18.92 -10.68
N ALA A 347 -9.26 18.06 -10.67
CA ALA A 347 -10.01 17.79 -11.89
C ALA A 347 -10.82 19.04 -12.28
N PRO A 348 -11.11 19.21 -13.57
CA PRO A 348 -11.88 20.38 -14.00
C PRO A 348 -13.24 20.41 -13.33
N GLY A 349 -13.69 21.61 -12.97
CA GLY A 349 -14.88 21.75 -12.16
C GLY A 349 -14.66 21.64 -10.67
N SER A 350 -13.52 21.09 -10.22
CA SER A 350 -13.24 21.06 -8.79
C SER A 350 -12.67 22.41 -8.34
N ILE A 351 -12.98 22.78 -7.10
CA ILE A 351 -12.52 24.06 -6.55
C ILE A 351 -11.00 24.11 -6.48
N LEU A 352 -10.34 22.96 -6.28
CA LEU A 352 -8.88 22.92 -6.20
C LEU A 352 -8.24 22.65 -7.56
N ALA A 353 -8.97 22.80 -8.67
CA ALA A 353 -8.33 22.80 -9.97
C ALA A 353 -7.30 23.92 -10.10
N ASP A 354 -7.43 24.99 -9.32
CA ASP A 354 -6.50 26.10 -9.42
C ASP A 354 -5.24 25.80 -8.60
N LYS A 355 -4.10 25.69 -9.29
CA LYS A 355 -2.84 25.33 -8.62
C LYS A 355 -2.48 26.31 -7.51
N ALA A 356 -2.60 27.62 -7.79
CA ALA A 356 -2.29 28.63 -6.77
C ALA A 356 -3.18 28.48 -5.54
N LEU A 357 -4.44 28.10 -5.75
CA LEU A 357 -5.33 27.85 -4.62
C LEU A 357 -4.87 26.62 -3.84
N ARG A 358 -4.41 25.58 -4.53
CA ARG A 358 -3.89 24.40 -3.82
C ARG A 358 -2.71 24.79 -2.95
N LEU A 359 -1.76 25.56 -3.49
CA LEU A 359 -0.55 25.90 -2.74
C LEU A 359 -0.87 26.81 -1.56
N ALA A 360 -1.81 27.74 -1.74
CA ALA A 360 -2.24 28.60 -0.65
C ALA A 360 -2.90 27.80 0.45
N ILE A 361 -3.89 26.97 0.11
CA ILE A 361 -4.55 26.12 1.09
C ILE A 361 -3.53 25.26 1.83
N ALA A 362 -2.59 24.66 1.09
CA ALA A 362 -1.57 23.81 1.69
C ALA A 362 -0.80 24.55 2.76
N LYS A 363 -0.52 25.83 2.51
CA LYS A 363 0.20 26.61 3.51
C LYS A 363 -0.59 26.81 4.81
N GLY A 364 -1.87 26.45 4.84
CA GLY A 364 -2.68 26.54 6.03
C GLY A 364 -2.93 25.24 6.76
N ILE A 365 -2.26 24.16 6.38
CA ILE A 365 -2.40 22.87 7.03
C ILE A 365 -1.10 22.59 7.78
N ASP A 366 -1.22 22.37 9.07
CA ASP A 366 -0.07 22.25 9.97
C ASP A 366 0.25 20.77 10.11
N ARG A 367 1.05 20.24 9.15
CA ARG A 367 1.36 18.82 9.16
C ARG A 367 2.21 18.43 10.37
N TYR A 368 3.03 19.34 10.89
CA TYR A 368 3.87 19.00 12.04
C TYR A 368 3.03 18.76 13.28
N THR A 369 2.10 19.68 13.57
CA THR A 369 1.19 19.45 14.69
C THR A 369 0.39 18.18 14.49
N ILE A 370 -0.08 17.93 13.27
CA ILE A 370 -0.86 16.73 13.00
C ILE A 370 -0.04 15.49 13.32
N ALA A 371 1.22 15.46 12.88
CA ALA A 371 2.07 14.30 13.14
C ALA A 371 2.36 14.13 14.62
N ARG A 372 2.57 15.24 15.34
CA ARG A 372 2.85 15.15 16.77
C ARG A 372 1.64 14.63 17.54
N VAL A 373 0.45 15.11 17.20
CA VAL A 373 -0.75 14.62 17.87
C VAL A 373 -0.99 13.15 17.53
N ALA A 374 -0.81 12.78 16.26
CA ALA A 374 -1.05 11.42 15.82
C ALA A 374 -0.10 10.43 16.49
N GLN A 375 1.16 10.82 16.68
CA GLN A 375 2.18 9.85 17.00
C GLN A 375 2.83 10.01 18.38
N TYR A 376 2.47 11.03 19.17
CA TYR A 376 3.13 11.20 20.46
C TYR A 376 2.89 9.99 21.35
N GLY A 377 3.94 9.57 22.05
CA GLY A 377 3.86 8.43 22.96
C GLY A 377 3.96 7.11 22.22
N LEU A 378 3.67 7.13 20.93
CA LEU A 378 3.76 5.94 20.10
C LEU A 378 5.13 5.81 19.45
N THR A 379 5.75 6.93 19.12
CA THR A 379 7.07 6.94 18.49
C THR A 379 7.88 8.08 19.10
N SER A 380 9.20 8.02 18.89
CA SER A 380 10.10 9.01 19.47
C SER A 380 10.27 10.19 18.53
N ASP A 381 10.20 11.40 19.09
CA ASP A 381 10.33 12.67 18.38
C ASP A 381 9.51 12.66 17.11
N PRO A 382 8.18 12.61 17.21
CA PRO A 382 7.36 12.44 16.00
C PRO A 382 7.53 13.62 15.06
N VAL A 383 7.64 13.30 13.77
CA VAL A 383 7.72 14.30 12.71
C VAL A 383 6.83 13.84 11.56
N PRO A 384 6.42 14.78 10.71
CA PRO A 384 5.66 14.40 9.52
C PRO A 384 6.56 13.85 8.43
N LEU A 385 5.93 13.13 7.50
CA LEU A 385 6.64 12.67 6.32
C LEU A 385 6.75 13.81 5.32
N ASN A 386 7.97 14.03 4.80
CA ASN A 386 8.28 15.18 3.96
C ASN A 386 8.66 14.78 2.54
N ASN A 387 8.32 13.55 2.15
CA ASN A 387 8.70 13.04 0.84
C ASN A 387 7.60 12.12 0.35
N HIS A 388 7.30 12.19 -0.95
CA HIS A 388 6.30 11.32 -1.55
C HIS A 388 6.87 10.00 -2.03
N VAL A 389 8.18 9.95 -2.30
CA VAL A 389 8.79 8.80 -2.96
C VAL A 389 9.54 7.92 -1.97
N PHE A 390 10.30 8.52 -1.07
CA PHE A 390 11.03 7.81 -0.04
C PHE A 390 10.50 8.23 1.33
N VAL A 391 10.56 7.32 2.29
CA VAL A 391 10.11 7.62 3.64
C VAL A 391 11.33 7.61 4.56
N ALA A 392 11.14 8.11 5.79
CA ALA A 392 12.25 8.22 6.72
C ALA A 392 12.90 6.86 6.91
N GLY A 393 14.23 6.85 6.92
CA GLY A 393 14.99 5.62 7.02
C GLY A 393 15.33 4.97 5.70
N GLN A 394 14.84 5.49 4.59
CA GLN A 394 15.15 4.97 3.26
C GLN A 394 16.22 5.82 2.62
N ASP A 395 17.10 5.19 1.85
CA ASP A 395 18.09 5.91 1.06
C ASP A 395 17.39 6.89 0.12
N GLY A 396 17.89 8.12 0.09
CA GLY A 396 17.30 9.15 -0.74
C GLY A 396 16.27 9.99 -0.02
N TYR A 397 15.87 9.61 1.19
CA TYR A 397 14.91 10.42 1.93
C TYR A 397 15.47 11.81 2.17
N GLN A 398 14.65 12.82 1.96
CA GLN A 398 15.00 14.19 2.27
C GLN A 398 13.72 15.00 2.36
N ASP A 399 13.83 16.20 2.95
CA ASP A 399 12.68 17.08 3.14
C ASP A 399 12.51 17.99 1.92
N ASN A 400 11.50 17.69 1.10
CA ASN A 400 11.17 18.53 -0.06
C ASN A 400 9.85 19.25 0.11
N SER A 401 9.42 19.48 1.36
CA SER A 401 8.11 20.04 1.65
C SER A 401 8.10 21.56 1.74
N GLY A 402 9.25 22.22 1.58
CA GLY A 402 9.36 23.63 1.90
C GLY A 402 8.48 24.53 1.05
N VAL A 403 8.18 24.11 -0.18
CA VAL A 403 7.36 24.97 -1.05
C VAL A 403 6.00 25.23 -0.41
N VAL A 404 5.55 24.35 0.48
CA VAL A 404 4.26 24.53 1.13
C VAL A 404 4.44 24.42 2.64
N ALA A 405 5.51 25.02 3.15
CA ALA A 405 5.73 25.05 4.59
C ALA A 405 4.60 25.82 5.27
N TYR A 406 4.19 25.34 6.45
CA TYR A 406 3.07 25.92 7.16
C TYR A 406 3.31 27.40 7.43
N ASN A 407 2.45 28.25 6.88
CA ASN A 407 2.58 29.70 6.97
C ASN A 407 1.23 30.35 6.79
N PRO A 408 0.42 30.46 7.86
CA PRO A 408 -0.96 30.97 7.69
C PRO A 408 -1.03 32.39 7.16
N GLU A 409 -0.13 33.27 7.60
CA GLU A 409 -0.15 34.65 7.11
C GLU A 409 0.13 34.69 5.61
N GLN A 410 1.10 33.90 5.16
CA GLN A 410 1.38 33.81 3.72
C GLN A 410 0.21 33.18 2.98
N ALA A 411 -0.45 32.19 3.59
CA ALA A 411 -1.64 31.61 2.98
C ALA A 411 -2.70 32.68 2.77
N LYS A 412 -2.93 33.51 3.79
CA LYS A 412 -3.93 34.56 3.70
C LYS A 412 -3.58 35.55 2.61
N ARG A 413 -2.31 35.96 2.54
CA ARG A 413 -1.86 36.87 1.50
C ARG A 413 -2.12 36.29 0.10
N GLU A 414 -1.72 35.03 -0.10
CA GLU A 414 -1.94 34.41 -1.41
C GLU A 414 -3.41 34.24 -1.71
N LEU A 415 -4.24 33.99 -0.70
CA LEU A 415 -5.66 33.86 -0.95
C LEU A 415 -6.25 35.20 -1.37
N ASP A 416 -5.78 36.30 -0.76
CA ASP A 416 -6.25 37.63 -1.14
C ASP A 416 -5.82 37.96 -2.58
N ALA A 417 -4.56 37.68 -2.91
CA ALA A 417 -4.09 37.97 -4.26
C ALA A 417 -4.90 37.24 -5.32
N LEU A 418 -5.47 36.08 -4.98
CA LEU A 418 -6.31 35.33 -5.89
C LEU A 418 -7.77 35.77 -5.90
N GLY A 419 -8.16 36.70 -5.05
CA GLY A 419 -9.55 37.10 -5.00
C GLY A 419 -10.42 36.28 -4.09
N TRP A 420 -9.82 35.42 -3.26
CA TRP A 420 -10.55 34.71 -2.20
C TRP A 420 -10.50 35.58 -0.94
N ARG A 421 -11.37 36.57 -0.94
CA ARG A 421 -11.36 37.57 0.16
C ARG A 421 -12.36 37.25 1.28
N ARG A 422 -12.15 37.85 2.44
CA ARG A 422 -13.00 37.64 3.66
C ARG A 422 -14.30 38.43 3.51
N SER A 423 -15.11 38.02 2.54
CA SER A 423 -16.40 38.68 2.23
C SER A 423 -17.51 38.10 3.11
N GLY A 424 -17.20 37.03 3.84
CA GLY A 424 -18.20 36.43 4.69
C GLY A 424 -17.52 35.62 5.76
N ALA A 425 -18.31 34.73 6.37
CA ALA A 425 -17.79 33.89 7.44
C ALA A 425 -16.56 33.11 6.98
N PHE A 426 -16.54 32.71 5.72
CA PHE A 426 -15.37 32.15 5.08
C PHE A 426 -15.08 32.98 3.84
N ARG A 427 -13.91 32.76 3.25
CA ARG A 427 -13.55 33.54 2.09
C ARG A 427 -14.46 33.21 0.91
N GLU A 428 -14.53 34.14 -0.04
CA GLU A 428 -15.47 34.06 -1.15
C GLU A 428 -14.83 34.62 -2.41
N LYS A 429 -15.37 34.20 -3.56
CA LYS A 429 -14.92 34.67 -4.86
C LYS A 429 -15.99 34.34 -5.89
N ASP A 430 -16.45 35.34 -6.64
CA ASP A 430 -17.41 35.14 -7.72
C ASP A 430 -18.66 34.41 -7.22
N GLY A 431 -19.09 34.75 -6.02
CA GLY A 431 -20.28 34.15 -5.45
C GLY A 431 -20.12 32.78 -4.84
N ARG A 432 -18.94 32.18 -4.90
CA ARG A 432 -18.71 30.87 -4.32
C ARG A 432 -17.94 30.98 -3.00
N GLN A 433 -18.36 30.21 -2.02
CA GLN A 433 -17.63 30.10 -0.76
C GLN A 433 -16.44 29.16 -0.92
N LEU A 434 -15.37 29.44 -0.19
CA LEU A 434 -14.16 28.64 -0.22
C LEU A 434 -14.35 27.46 0.74
N VAL A 435 -15.10 26.46 0.28
CA VAL A 435 -15.33 25.24 1.05
C VAL A 435 -14.68 24.07 0.33
N ILE A 436 -14.04 23.20 1.12
CA ILE A 436 -13.25 22.09 0.62
C ILE A 436 -13.79 20.82 1.28
N ARG A 437 -14.40 19.96 0.47
CA ARG A 437 -14.89 18.69 1.00
C ARG A 437 -13.71 17.79 1.34
N ASP A 438 -13.63 17.37 2.61
CA ASP A 438 -12.59 16.43 3.05
C ASP A 438 -13.21 15.06 3.21
N LEU A 439 -12.86 14.17 2.29
CA LEU A 439 -13.35 12.79 2.28
C LEU A 439 -12.36 11.92 3.04
N PHE A 440 -12.84 11.25 4.09
CA PHE A 440 -11.96 10.34 4.83
C PHE A 440 -12.78 9.17 5.35
N TYR A 441 -12.06 8.13 5.74
CA TYR A 441 -12.67 6.88 6.26
C TYR A 441 -12.91 7.05 7.76
N ASP A 442 -14.17 7.21 8.09
CA ASP A 442 -14.52 7.53 9.50
C ASP A 442 -13.85 6.59 10.51
N ALA A 443 -13.08 7.16 11.40
CA ALA A 443 -12.47 6.43 12.52
C ALA A 443 -11.95 7.50 13.48
N GLN A 444 -11.52 7.10 14.66
CA GLN A 444 -11.10 8.11 15.63
C GLN A 444 -9.88 8.88 15.13
N SER A 445 -8.83 8.17 14.72
CA SER A 445 -7.60 8.83 14.27
C SER A 445 -7.84 9.69 13.03
N THR A 446 -8.56 9.15 12.04
CA THR A 446 -8.78 9.88 10.80
C THR A 446 -9.63 11.13 11.04
N ARG A 447 -10.64 11.01 11.91
CA ARG A 447 -11.41 12.20 12.29
C ARG A 447 -10.53 13.22 12.99
N GLN A 448 -9.54 12.77 13.73
CA GLN A 448 -8.65 13.67 14.38
C GLN A 448 -7.86 14.45 13.37
N PHE A 449 -7.27 13.76 12.42
CA PHE A 449 -6.56 14.43 11.32
C PHE A 449 -7.45 15.50 10.69
N ALA A 450 -8.66 15.09 10.30
CA ALA A 450 -9.60 16.01 9.66
C ALA A 450 -9.88 17.22 10.55
N GLN A 451 -10.06 16.99 11.85
CA GLN A 451 -10.43 18.07 12.75
C GLN A 451 -9.30 19.07 12.91
N ILE A 452 -8.06 18.60 13.06
CA ILE A 452 -6.94 19.53 13.19
C ILE A 452 -6.81 20.39 11.94
N ALA A 453 -6.83 19.74 10.76
CA ALA A 453 -6.77 20.51 9.53
C ALA A 453 -7.94 21.48 9.42
N GLN A 454 -9.12 21.07 9.89
CA GLN A 454 -10.28 21.95 9.88
C GLN A 454 -10.03 23.20 10.71
N HIS A 455 -9.47 23.01 11.91
CA HIS A 455 -9.20 24.13 12.81
C HIS A 455 -8.23 25.12 12.20
N THR A 456 -7.08 24.61 11.71
CA THR A 456 -6.08 25.53 11.17
C THR A 456 -6.58 26.22 9.90
N LEU A 457 -7.29 25.50 9.03
CA LEU A 457 -7.82 26.11 7.82
C LEU A 457 -8.92 27.13 8.15
N ALA A 458 -9.79 26.84 9.12
CA ALA A 458 -10.76 27.85 9.54
C ALA A 458 -10.05 29.14 9.93
N GLN A 459 -8.90 29.03 10.59
CA GLN A 459 -8.18 30.23 10.99
C GLN A 459 -7.72 31.10 9.80
N ILE A 460 -7.71 30.57 8.57
CA ILE A 460 -7.35 31.39 7.40
C ILE A 460 -8.57 31.64 6.49
N GLY A 461 -9.78 31.40 6.99
CA GLY A 461 -10.95 31.69 6.18
C GLY A 461 -11.34 30.58 5.23
N VAL A 462 -10.84 29.36 5.44
CA VAL A 462 -11.12 28.22 4.58
C VAL A 462 -12.00 27.25 5.36
N LYS A 463 -13.10 26.80 4.75
CA LYS A 463 -14.05 25.90 5.40
C LYS A 463 -13.79 24.46 4.94
N LEU A 464 -13.30 23.62 5.84
CA LEU A 464 -13.13 22.20 5.57
C LEU A 464 -14.40 21.48 5.98
N GLU A 465 -15.15 21.02 4.98
CA GLU A 465 -16.38 20.27 5.22
C GLU A 465 -16.02 18.80 5.34
N LEU A 466 -16.12 18.27 6.56
CA LEU A 466 -15.75 16.87 6.75
C LEU A 466 -16.80 15.97 6.14
N GLN A 467 -16.37 15.04 5.28
CA GLN A 467 -17.26 14.03 4.72
C GLN A 467 -16.71 12.65 5.06
N ALA A 468 -16.98 12.21 6.28
CA ALA A 468 -16.60 10.88 6.71
C ALA A 468 -17.48 9.82 6.06
N LYS A 469 -16.86 8.71 5.66
CA LYS A 469 -17.54 7.63 4.95
C LYS A 469 -17.09 6.30 5.52
N SER A 470 -17.73 5.23 5.05
CA SER A 470 -17.46 3.88 5.53
C SER A 470 -17.73 2.88 4.41
N GLY A 471 -17.44 1.61 4.69
CA GLY A 471 -17.88 0.53 3.84
C GLY A 471 -16.88 0.15 2.77
N SER A 472 -17.27 -0.86 2.00
CA SER A 472 -16.42 -1.44 0.97
C SER A 472 -16.17 -0.50 -0.20
N GLY A 473 -16.94 0.57 -0.33
CA GLY A 473 -16.86 1.40 -1.51
C GLY A 473 -16.15 2.72 -1.30
N PHE A 474 -15.38 2.83 -0.22
CA PHE A 474 -14.68 4.09 0.05
C PHE A 474 -13.83 4.49 -1.15
N PHE A 475 -13.09 3.54 -1.73
CA PHE A 475 -12.31 3.85 -2.93
C PHE A 475 -13.12 3.72 -4.20
N SER A 476 -13.80 2.58 -4.39
CA SER A 476 -14.50 2.35 -5.65
C SER A 476 -15.62 3.35 -5.90
N ASP A 477 -16.24 3.87 -4.84
CA ASP A 477 -17.37 4.78 -5.01
C ASP A 477 -17.04 6.24 -4.74
N TYR A 478 -15.89 6.55 -4.14
CA TYR A 478 -15.62 7.96 -3.83
C TYR A 478 -14.24 8.37 -4.33
N VAL A 479 -13.19 7.78 -3.77
CA VAL A 479 -11.83 8.18 -4.16
C VAL A 479 -11.61 7.96 -5.65
N ASN A 480 -11.94 6.77 -6.15
CA ASN A 480 -11.63 6.43 -7.55
C ASN A 480 -12.33 7.36 -8.53
N VAL A 481 -13.43 8.00 -8.12
CA VAL A 481 -14.25 8.78 -9.05
C VAL A 481 -14.14 10.28 -8.77
N GLY A 482 -13.20 10.70 -7.94
CA GLY A 482 -13.01 12.13 -7.74
C GLY A 482 -14.04 12.81 -6.87
N ALA A 483 -14.71 12.06 -5.99
CA ALA A 483 -15.79 12.62 -5.16
C ALA A 483 -15.21 13.24 -3.89
N PHE A 484 -14.39 14.27 -4.08
CA PHE A 484 -13.69 14.91 -2.97
C PHE A 484 -12.97 16.13 -3.50
N ASP A 485 -12.63 17.03 -2.58
CA ASP A 485 -11.66 18.06 -2.86
C ASP A 485 -10.31 17.72 -2.22
N ILE A 486 -10.35 17.26 -0.98
CA ILE A 486 -9.22 16.59 -0.35
C ILE A 486 -9.71 15.21 0.07
N ALA A 487 -8.88 14.19 -0.09
CA ALA A 487 -9.17 12.86 0.44
C ALA A 487 -8.03 12.42 1.34
N GLN A 488 -8.36 11.90 2.51
CA GLN A 488 -7.38 11.34 3.41
C GLN A 488 -7.33 9.84 3.19
N PHE A 489 -6.13 9.33 2.91
CA PHE A 489 -5.97 7.89 2.95
C PHE A 489 -4.49 7.56 3.02
N GLY A 490 -4.18 6.28 2.95
CA GLY A 490 -2.82 5.80 3.07
C GLY A 490 -2.35 5.11 1.80
N TRP A 491 -1.04 5.19 1.55
CA TRP A 491 -0.34 4.38 0.56
C TRP A 491 0.55 3.38 1.28
N VAL A 492 0.60 2.16 0.76
CA VAL A 492 1.32 1.04 1.37
C VAL A 492 2.38 0.60 0.37
N GLY A 493 3.63 1.01 0.61
CA GLY A 493 4.71 0.73 -0.31
C GLY A 493 5.41 -0.59 -0.01
N ASP A 494 6.39 -0.91 -0.87
CA ASP A 494 7.22 -2.07 -0.58
C ASP A 494 8.68 -1.72 -0.87
N ALA A 495 9.46 -2.70 -1.31
CA ALA A 495 10.89 -2.47 -1.54
C ALA A 495 11.16 -1.78 -2.88
N PHE A 496 10.14 -1.38 -3.60
CA PHE A 496 10.27 -0.83 -4.96
C PHE A 496 9.60 0.54 -4.99
N PRO A 497 10.28 1.57 -4.48
CA PRO A 497 9.62 2.89 -4.37
C PRO A 497 9.40 3.60 -5.70
N LEU A 498 10.25 3.34 -6.71
CA LEU A 498 10.12 4.07 -7.97
C LEU A 498 8.84 3.68 -8.70
N SER A 499 8.36 2.46 -8.50
CA SER A 499 7.18 1.97 -9.21
C SER A 499 5.92 2.77 -8.89
N SER A 500 5.94 3.61 -7.86
CA SER A 500 4.78 4.46 -7.62
C SER A 500 4.69 5.64 -8.60
N LEU A 501 5.80 6.05 -9.21
CA LEU A 501 5.82 7.28 -10.00
C LEU A 501 4.82 7.25 -11.14
N THR A 502 4.94 6.25 -12.02
CA THR A 502 4.01 6.12 -13.13
C THR A 502 2.59 5.82 -12.64
N GLN A 503 2.45 5.18 -11.47
CA GLN A 503 1.12 4.79 -11.03
C GLN A 503 0.33 6.00 -10.54
N ILE A 504 0.96 6.83 -9.72
CA ILE A 504 0.24 7.84 -8.95
C ILE A 504 0.43 9.23 -9.54
N TYR A 505 1.65 9.57 -9.95
CA TYR A 505 2.01 10.96 -10.21
C TYR A 505 2.10 11.32 -11.68
N ALA A 506 2.30 10.35 -12.57
CA ALA A 506 2.22 10.64 -13.99
C ALA A 506 0.85 11.21 -14.33
N SER A 507 0.82 12.06 -15.34
CA SER A 507 -0.44 12.70 -15.75
C SER A 507 -1.49 11.66 -16.10
N ASP A 508 -1.09 10.55 -16.71
CA ASP A 508 -2.00 9.44 -16.99
C ASP A 508 -1.84 8.30 -15.99
N GLY A 509 -1.34 8.58 -14.79
CA GLY A 509 -1.22 7.54 -13.79
C GLY A 509 -2.56 6.94 -13.45
N GLU A 510 -2.61 5.61 -13.36
CA GLU A 510 -3.88 4.92 -13.11
C GLU A 510 -4.43 5.22 -11.73
N SER A 511 -3.57 5.59 -10.78
CA SER A 511 -4.00 5.95 -9.43
C SER A 511 -3.90 7.44 -9.17
N ASN A 512 -3.87 8.25 -10.23
CA ASN A 512 -3.86 9.71 -10.10
C ASN A 512 -5.31 10.18 -9.94
N PHE A 513 -5.87 9.86 -8.77
CA PHE A 513 -7.28 10.10 -8.49
C PHE A 513 -7.64 11.57 -8.60
N GLY A 514 -6.72 12.46 -8.25
CA GLY A 514 -6.96 13.88 -8.31
C GLY A 514 -6.66 14.50 -9.64
N LYS A 515 -6.14 13.72 -10.59
CA LYS A 515 -5.88 14.18 -11.95
C LYS A 515 -5.01 15.43 -11.95
N ILE A 516 -4.00 15.46 -11.07
CA ILE A 516 -3.06 16.57 -10.98
C ILE A 516 -1.74 16.11 -11.58
N GLY A 517 -1.20 16.90 -12.50
CA GLY A 517 0.03 16.52 -13.15
C GLY A 517 0.45 17.61 -14.12
N SER A 518 1.62 17.40 -14.72
CA SER A 518 2.20 18.40 -15.62
C SER A 518 3.19 17.70 -16.54
N PRO A 519 3.49 18.30 -17.69
CA PRO A 519 4.53 17.70 -18.56
C PRO A 519 5.90 17.67 -17.90
N GLN A 520 6.22 18.65 -17.05
CA GLN A 520 7.49 18.64 -16.35
C GLN A 520 7.58 17.46 -15.38
N ILE A 521 6.49 17.17 -14.67
CA ILE A 521 6.50 16.01 -13.79
C ILE A 521 6.68 14.73 -14.61
N ASP A 522 5.96 14.62 -15.73
CA ASP A 522 6.08 13.45 -16.60
C ASP A 522 7.50 13.26 -17.11
N ALA A 523 8.14 14.34 -17.55
CA ALA A 523 9.50 14.25 -18.08
C ALA A 523 10.49 13.88 -16.97
N ALA A 524 10.26 14.40 -15.76
CA ALA A 524 11.15 14.06 -14.65
C ALA A 524 10.98 12.60 -14.22
N ILE A 525 9.77 12.07 -14.32
CA ILE A 525 9.56 10.64 -14.07
C ILE A 525 10.27 9.82 -15.14
N GLU A 526 10.16 10.24 -16.42
CA GLU A 526 10.87 9.57 -17.49
C GLU A 526 12.37 9.51 -17.20
N ARG A 527 12.96 10.66 -16.87
CA ARG A 527 14.40 10.68 -16.57
C ARG A 527 14.74 9.77 -15.40
N THR A 528 13.87 9.73 -14.38
CA THR A 528 14.12 8.86 -13.24
C THR A 528 14.15 7.39 -13.64
N LEU A 529 13.19 6.97 -14.46
CA LEU A 529 13.12 5.55 -14.81
C LEU A 529 14.15 5.17 -15.86
N ALA A 530 14.62 6.12 -16.66
CA ALA A 530 15.65 5.83 -17.64
C ALA A 530 17.03 5.64 -16.99
N GLU A 531 17.22 6.15 -15.77
CA GLU A 531 18.53 6.16 -15.13
C GLU A 531 18.88 4.79 -14.58
N LEU A 532 20.03 4.27 -14.99
CA LEU A 532 20.48 2.96 -14.53
C LEU A 532 21.28 3.04 -13.23
N ASP A 533 21.90 4.17 -12.94
CA ASP A 533 22.67 4.28 -11.70
C ASP A 533 21.72 4.53 -10.53
N PRO A 534 21.85 3.78 -9.43
CA PRO A 534 20.88 3.94 -8.34
C PRO A 534 20.94 5.29 -7.65
N GLY A 535 22.14 5.82 -7.38
CA GLY A 535 22.24 7.11 -6.72
C GLY A 535 21.71 8.24 -7.57
N LYS A 536 22.07 8.26 -8.85
CA LYS A 536 21.53 9.27 -9.76
C LYS A 536 20.02 9.12 -9.90
N ALA A 537 19.53 7.89 -9.91
CA ALA A 537 18.09 7.67 -9.97
C ALA A 537 17.40 8.22 -8.73
N ARG A 538 18.00 8.05 -7.55
CA ARG A 538 17.42 8.63 -6.34
C ARG A 538 17.41 10.15 -6.41
N ALA A 539 18.47 10.76 -6.95
CA ALA A 539 18.49 12.21 -7.13
C ALA A 539 17.35 12.65 -8.05
N LEU A 540 17.19 11.96 -9.17
CA LEU A 540 16.14 12.33 -10.12
C LEU A 540 14.76 12.14 -9.51
N ALA A 541 14.57 11.08 -8.73
CA ALA A 541 13.29 10.89 -8.04
C ALA A 541 13.03 12.01 -7.05
N ASN A 542 14.07 12.52 -6.39
CA ASN A 542 13.84 13.64 -5.48
C ASN A 542 13.50 14.91 -6.23
N GLN A 543 14.04 15.09 -7.43
CA GLN A 543 13.57 16.21 -8.28
C GLN A 543 12.10 16.04 -8.65
N VAL A 544 11.69 14.80 -8.96
CA VAL A 544 10.28 14.52 -9.17
C VAL A 544 9.46 14.92 -7.94
N ASP A 545 9.95 14.54 -6.75
CA ASP A 545 9.25 14.84 -5.51
C ASP A 545 9.09 16.35 -5.32
N GLU A 546 10.17 17.10 -5.56
CA GLU A 546 10.11 18.55 -5.52
C GLU A 546 8.99 19.08 -6.41
N LEU A 547 8.90 18.56 -7.64
CA LEU A 547 7.85 19.03 -8.54
C LEU A 547 6.46 18.64 -8.01
N ILE A 548 6.36 17.46 -7.40
CA ILE A 548 5.06 17.00 -6.86
C ILE A 548 4.58 17.94 -5.76
N TRP A 549 5.47 18.27 -4.81
CA TRP A 549 5.12 19.23 -3.78
C TRP A 549 4.74 20.58 -4.38
N ALA A 550 5.54 21.07 -5.33
CA ALA A 550 5.28 22.37 -5.93
C ALA A 550 3.98 22.41 -6.75
N GLU A 551 3.40 21.27 -7.08
CA GLU A 551 2.15 21.22 -7.82
C GLU A 551 0.93 21.14 -6.90
N GLY A 552 1.13 21.02 -5.59
CA GLY A 552 0.02 20.85 -4.68
C GLY A 552 -0.73 19.56 -4.87
N PHE A 553 -0.03 18.48 -5.26
CA PHE A 553 -0.65 17.20 -5.56
C PHE A 553 -1.23 16.56 -4.30
N SER A 554 -0.44 16.49 -3.23
CA SER A 554 -0.82 15.84 -1.99
C SER A 554 0.14 16.27 -0.88
N LEU A 555 -0.32 16.12 0.35
CA LEU A 555 0.42 16.46 1.57
C LEU A 555 0.64 15.20 2.39
N PRO A 556 1.81 14.58 2.31
CA PRO A 556 2.12 13.47 3.22
C PRO A 556 2.07 13.94 4.66
N LEU A 557 1.52 13.10 5.52
CA LEU A 557 1.37 13.44 6.92
C LEU A 557 2.27 12.57 7.78
N THR A 558 1.89 11.32 8.01
CA THR A 558 2.65 10.47 8.90
C THR A 558 2.97 9.17 8.19
N GLN A 559 4.18 8.67 8.42
CA GLN A 559 4.53 7.33 7.98
C GLN A 559 4.35 6.36 9.14
N SER A 560 4.27 5.09 8.79
CA SER A 560 3.78 4.09 9.72
C SER A 560 4.76 3.90 10.89
N PRO A 561 4.25 3.79 12.11
CA PRO A 561 5.11 3.39 13.24
C PRO A 561 5.55 1.95 13.18
N GLY A 562 4.81 1.09 12.50
CA GLY A 562 5.19 -0.30 12.40
C GLY A 562 4.91 -1.10 13.65
N THR A 563 4.09 -0.57 14.57
CA THR A 563 3.75 -1.23 15.81
C THR A 563 2.54 -2.13 15.63
N VAL A 564 2.67 -3.38 16.06
CA VAL A 564 1.62 -4.38 15.97
C VAL A 564 1.48 -5.06 17.32
N ALA A 565 0.23 -5.34 17.72
CA ALA A 565 -0.06 -6.13 18.90
C ALA A 565 -0.36 -7.56 18.45
N VAL A 566 0.39 -8.53 18.99
CA VAL A 566 0.33 -9.93 18.56
C VAL A 566 0.17 -10.83 19.79
N ARG A 567 -0.67 -11.85 19.69
CA ARG A 567 -0.71 -12.86 20.75
C ARG A 567 0.68 -13.44 20.97
N SER A 568 1.11 -13.43 22.24
CA SER A 568 2.48 -13.84 22.57
C SER A 568 2.79 -15.27 22.14
N THR A 569 1.77 -16.10 21.89
CA THR A 569 2.01 -17.48 21.50
C THR A 569 2.45 -17.61 20.04
N LEU A 570 2.29 -16.57 19.23
CA LEU A 570 2.57 -16.67 17.80
C LEU A 570 4.06 -16.53 17.53
N ALA A 571 4.55 -17.26 16.53
CA ALA A 571 5.95 -17.20 16.11
C ALA A 571 6.04 -17.08 14.60
N ASN A 572 7.16 -16.51 14.14
CA ASN A 572 7.36 -16.19 12.73
C ASN A 572 6.19 -15.34 12.20
N PHE A 573 5.81 -14.34 12.98
CA PHE A 573 4.70 -13.46 12.67
C PHE A 573 4.78 -12.28 13.62
N GLY A 574 4.47 -11.09 13.11
CA GLY A 574 4.62 -9.87 13.89
C GLY A 574 4.77 -8.65 12.99
N ALA A 575 5.67 -7.75 13.36
CA ALA A 575 5.94 -6.58 12.53
C ALA A 575 7.06 -6.94 11.56
N THR A 576 6.76 -6.91 10.26
CA THR A 576 7.74 -7.36 9.27
C THR A 576 8.52 -6.24 8.61
N GLY A 577 8.04 -4.99 8.70
CA GLY A 577 8.71 -3.89 8.05
C GLY A 577 8.78 -4.05 6.55
N LEU A 578 10.00 -4.16 6.01
CA LEU A 578 10.19 -4.38 4.59
C LEU A 578 10.02 -5.84 4.17
N ALA A 579 10.04 -6.77 5.12
CA ALA A 579 10.16 -8.19 4.80
C ALA A 579 8.80 -8.83 4.49
N ASP A 580 8.86 -9.88 3.67
CA ASP A 580 7.74 -10.76 3.47
C ASP A 580 7.63 -11.74 4.64
N LEU A 581 6.42 -12.24 4.88
CA LEU A 581 6.28 -13.41 5.74
C LEU A 581 6.54 -14.68 4.94
N ASP A 582 7.05 -15.70 5.62
CA ASP A 582 7.01 -17.10 5.14
C ASP A 582 5.74 -17.71 5.71
N TYR A 583 4.69 -17.79 4.89
CA TYR A 583 3.40 -18.23 5.42
C TYR A 583 3.39 -19.69 5.85
N THR A 584 4.32 -20.52 5.34
CA THR A 584 4.42 -21.89 5.84
C THR A 584 5.02 -21.95 7.24
N ALA A 585 5.67 -20.89 7.71
CA ALA A 585 6.40 -20.93 8.97
C ALA A 585 5.63 -20.32 10.13
N ILE A 586 4.58 -19.55 9.85
CA ILE A 586 3.76 -19.00 10.93
C ILE A 586 3.22 -20.14 11.78
N GLY A 587 3.26 -19.97 13.09
CA GLY A 587 2.73 -21.01 13.96
C GLY A 587 2.64 -20.55 15.40
N PHE A 588 1.99 -21.39 16.20
CA PHE A 588 1.86 -21.16 17.63
C PHE A 588 2.88 -22.01 18.38
N MET A 589 3.53 -21.40 19.37
CA MET A 589 4.52 -22.11 20.16
C MET A 589 3.85 -23.10 21.11
N ARG A 590 4.62 -24.11 21.51
CA ARG A 590 4.16 -25.05 22.51
C ARG A 590 4.29 -24.44 23.91
N ARG A 591 3.62 -25.05 24.88
CA ARG A 591 3.68 -24.56 26.26
C ARG A 591 5.12 -24.58 26.78
N HIS A 592 5.48 -23.55 27.55
CA HIS A 592 6.81 -23.42 28.14
C HIS A 592 7.91 -23.32 27.08
N HIS A 593 7.57 -22.78 25.91
CA HIS A 593 8.54 -22.46 24.87
C HIS A 593 8.94 -21.00 25.12
N HIS A 594 9.98 -20.80 25.92
CA HIS A 594 10.35 -19.45 26.34
C HIS A 594 11.75 -19.06 25.90
N HIS A 595 12.39 -19.86 25.06
CA HIS A 595 13.69 -19.52 24.49
C HIS A 595 13.53 -18.65 23.25
N HIS A 596 14.51 -17.79 23.02
CA HIS A 596 14.49 -16.83 21.90
C HIS A 596 15.92 -16.76 21.34
N HIS A 597 16.22 -17.65 20.38
CA HIS A 597 17.54 -17.71 19.75
C HIS A 597 17.74 -16.65 18.67
N HIS A 598 16.77 -15.76 18.45
CA HIS A 598 16.90 -14.73 17.41
C HIS A 598 16.51 -13.32 17.88
N ALA B 1 4.48 2.48 -3.27
CA ALA B 1 3.11 2.78 -2.78
C ALA B 1 2.09 2.23 -3.77
N SER B 2 1.97 0.90 -3.96
CA SER B 2 1.00 0.49 -5.00
C SER B 2 -0.42 0.26 -4.45
N PRO B 3 -0.58 -0.49 -3.35
CA PRO B 3 -1.94 -0.58 -2.82
C PRO B 3 -2.22 0.55 -1.80
N PHE B 4 -3.49 0.82 -1.52
CA PHE B 4 -3.96 1.86 -0.56
C PHE B 4 -4.77 1.17 0.53
N SER B 5 -4.97 1.95 1.58
CA SER B 5 -5.72 1.55 2.75
C SER B 5 -6.45 2.78 3.26
N PRO B 6 -7.64 2.58 3.83
CA PRO B 6 -8.42 3.73 4.34
C PRO B 6 -7.88 4.29 5.64
N ASP B 7 -7.21 3.49 6.46
CA ASP B 7 -6.75 3.93 7.77
C ASP B 7 -5.27 4.24 7.76
N PRO B 8 -4.80 5.09 8.67
CA PRO B 8 -3.36 5.37 8.77
C PRO B 8 -2.57 4.10 9.00
N PRO B 9 -1.68 3.74 8.07
CA PRO B 9 -0.90 2.50 8.20
C PRO B 9 0.14 2.61 9.30
#